data_5F6I
#
_entry.id   5F6I
#
_cell.length_a   73.106
_cell.length_b   74.628
_cell.length_c   102.620
_cell.angle_alpha   90.000
_cell.angle_beta   90.000
_cell.angle_gamma   90.000
#
_symmetry.space_group_name_H-M   'P 21 2 21'
#
loop_
_entity.id
_entity.type
_entity.pdbx_description
1 polymer 'DH428 Antibody Heavy Chain'
2 polymer 'DH428 Antibody Light Chain'
3 water water
#
loop_
_entity_poly.entity_id
_entity_poly.type
_entity_poly.pdbx_seq_one_letter_code
_entity_poly.pdbx_strand_id
1 'polypeptide(L)'
;EVQLVESGGGLVQPGGSLRLSCAASGFTFSTYGMSWVRQAPGKGLEWVSYISISGGSTYYTDSVKGRFTISRDNSKNTLS
LQINSLRPEDTAVYYCAKEGWAYFDYWGQGVLVTVSGASTKGPSVFPLAPSSKSTSGTAALGCLVKDYFPEPVTVSWNSG
ALTSGVHTFPAVLQSSGLYSLSSVVTVPSSSLGTQTYICNVNHKPSNTKVDKRVEPKSCDKHHHHHH
;
B
2 'polypeptide(L)'
;QSALTQPPSVSKSLGQSVTISCTGTNSDIGDYNGVSWYQQHSGTAPRLLIYDVSKRPSGVSDRFSGSKSGNTASLTISGL
QAEDEADYYCCSYRTGGTYIFGTGTRLTVLGQPKGAPSVTLFPPSSEELQANKATLVCLISDFYPGAVTVAWKADSSPVK
AGVETTTPSKQSNNKYAASSYLSLTPEQWKSHRSYSCQVTHEGSTVEKTVAPTECS
;
C
#
# COMPACT_ATOMS: atom_id res chain seq x y z
N VAL A 2 16.89 -10.06 -9.21
CA VAL A 2 16.91 -8.62 -9.44
C VAL A 2 16.52 -7.86 -8.19
N GLN A 3 17.32 -6.87 -7.80
CA GLN A 3 16.96 -5.98 -6.71
C GLN A 3 17.08 -4.51 -7.13
N LEU A 4 16.12 -3.72 -6.68
CA LEU A 4 16.11 -2.28 -6.86
C LEU A 4 15.71 -1.70 -5.51
N VAL A 5 16.71 -1.20 -4.79
CA VAL A 5 16.56 -0.75 -3.42
C VAL A 5 16.60 0.78 -3.35
N GLU A 6 15.50 1.35 -2.95
CA GLU A 6 15.37 2.75 -2.90
C GLU A 6 15.76 3.38 -1.63
N SER A 7 16.05 4.65 -1.69
CA SER A 7 16.42 5.41 -0.55
C SER A 7 16.20 6.86 -0.79
N GLY A 8 16.19 7.61 0.29
CA GLY A 8 15.93 9.01 0.28
C GLY A 8 14.49 9.07 0.67
N GLY A 9 13.89 10.23 0.67
CA GLY A 9 12.50 10.34 1.03
C GLY A 9 12.24 10.73 2.44
N GLY A 10 10.99 10.84 2.78
CA GLY A 10 10.59 11.22 4.09
C GLY A 10 9.89 12.54 3.99
N LEU A 11 10.00 13.30 5.03
CA LEU A 11 9.34 14.57 5.08
C LEU A 11 10.16 15.71 4.55
N VAL A 12 9.50 16.63 3.88
CA VAL A 12 10.14 17.85 3.36
C VAL A 12 9.13 18.97 3.38
N GLN A 13 9.59 20.17 3.73
CA GLN A 13 8.71 21.32 3.73
C GLN A 13 8.42 21.73 2.29
N PRO A 14 7.20 22.23 2.04
CA PRO A 14 6.84 22.77 0.71
C PRO A 14 7.87 23.79 0.22
N GLY A 15 8.22 23.68 -1.06
CA GLY A 15 9.25 24.52 -1.66
C GLY A 15 10.63 23.88 -1.60
N GLY A 16 10.80 22.87 -0.73
CA GLY A 16 12.10 22.26 -0.48
C GLY A 16 12.53 21.21 -1.50
N SER A 17 13.56 20.43 -1.17
CA SER A 17 14.17 19.53 -2.14
C SER A 17 14.63 18.22 -1.49
N LEU A 18 14.55 17.13 -2.27
CA LEU A 18 15.06 15.80 -1.86
C LEU A 18 15.84 15.13 -2.97
N ARG A 19 16.86 14.36 -2.61
CA ARG A 19 17.41 13.43 -3.56
C ARG A 19 16.88 12.02 -3.23
N LEU A 20 16.47 11.30 -4.26
CA LEU A 20 16.16 9.89 -4.14
C LEU A 20 17.23 9.16 -4.91
N SER A 21 17.58 7.98 -4.43
CA SER A 21 18.51 7.15 -5.14
C SER A 21 17.93 5.75 -5.10
N CYS A 22 18.46 4.92 -5.98
CA CYS A 22 18.06 3.55 -6.13
C CYS A 22 19.34 2.83 -6.48
N ALA A 23 19.60 1.71 -5.80
CA ALA A 23 20.75 0.89 -6.12
C ALA A 23 20.25 -0.40 -6.75
N ALA A 24 20.94 -0.85 -7.80
CA ALA A 24 20.46 -1.93 -8.66
C ALA A 24 21.39 -3.14 -8.68
N SER A 25 20.83 -4.34 -8.56
CA SER A 25 21.65 -5.53 -8.69
C SER A 25 20.91 -6.69 -9.38
N GLY A 26 21.68 -7.69 -9.84
CA GLY A 26 21.10 -8.88 -10.40
C GLY A 26 20.82 -8.77 -11.90
N PHE A 27 21.20 -7.63 -12.48
CA PHE A 27 21.15 -7.46 -13.92
C PHE A 27 22.21 -6.45 -14.36
N THR A 28 22.58 -6.48 -15.63
CA THR A 28 23.61 -5.58 -16.13
C THR A 28 23.10 -4.15 -16.28
N PHE A 29 23.20 -3.38 -15.19
CA PHE A 29 22.64 -2.04 -15.07
C PHE A 29 22.92 -1.12 -16.26
N SER A 30 24.15 -1.13 -16.76
CA SER A 30 24.56 -0.21 -17.80
C SER A 30 24.04 -0.54 -19.19
N THR A 31 23.28 -1.64 -19.33
CA THR A 31 22.69 -1.93 -20.62
C THR A 31 21.21 -1.50 -20.75
N TYR A 32 20.61 -0.98 -19.68
CA TYR A 32 19.18 -0.61 -19.73
C TYR A 32 18.88 0.86 -19.43
N GLY A 33 17.86 1.38 -20.11
CA GLY A 33 17.25 2.64 -19.71
C GLY A 33 16.56 2.49 -18.37
N MET A 34 16.43 3.59 -17.63
CA MET A 34 15.83 3.54 -16.30
C MET A 34 14.77 4.61 -16.16
N SER A 35 13.81 4.37 -15.27
CA SER A 35 12.73 5.32 -15.08
C SER A 35 12.35 5.52 -13.63
N TRP A 36 11.73 6.65 -13.37
CA TRP A 36 11.06 6.83 -12.10
C TRP A 36 9.61 7.07 -12.42
N VAL A 37 8.77 6.56 -11.52
CA VAL A 37 7.33 6.59 -11.66
C VAL A 37 6.81 6.92 -10.27
N ARG A 38 5.70 7.64 -10.19
CA ARG A 38 5.18 7.99 -8.88
C ARG A 38 3.70 7.67 -8.73
N GLN A 39 3.22 7.68 -7.48
CA GLN A 39 1.84 7.34 -7.19
C GLN A 39 1.37 8.01 -5.91
N ALA A 40 0.48 8.99 -6.06
CA ALA A 40 -0.09 9.70 -4.92
C ALA A 40 -1.04 8.74 -4.21
N PRO A 41 -1.22 8.91 -2.88
CA PRO A 41 -2.02 8.00 -2.03
C PRO A 41 -3.38 7.68 -2.62
N GLY A 42 -4.06 8.69 -3.12
CA GLY A 42 -5.36 8.46 -3.74
C GLY A 42 -5.32 7.77 -5.09
N LYS A 43 -4.52 8.29 -6.02
CA LYS A 43 -4.72 7.95 -7.42
C LYS A 43 -3.70 6.98 -8.01
N GLY A 44 -3.42 7.17 -9.30
CA GLY A 44 -2.73 6.16 -10.07
C GLY A 44 -1.26 6.42 -10.28
N LEU A 45 -0.68 5.57 -11.13
CA LEU A 45 0.67 5.68 -11.60
C LEU A 45 0.84 6.86 -12.56
N GLU A 46 1.88 7.65 -12.34
CA GLU A 46 2.27 8.70 -13.27
C GLU A 46 3.75 8.47 -13.56
N TRP A 47 4.10 8.24 -14.83
CA TRP A 47 5.51 8.15 -15.19
C TRP A 47 6.13 9.53 -15.00
N VAL A 48 7.33 9.58 -14.42
CA VAL A 48 7.93 10.87 -14.06
C VAL A 48 9.12 11.20 -14.92
N SER A 49 10.00 10.22 -15.09
CA SER A 49 11.27 10.52 -15.75
C SER A 49 11.90 9.26 -16.34
N TYR A 50 12.78 9.47 -17.32
CA TYR A 50 13.53 8.40 -17.97
C TYR A 50 14.96 8.85 -18.28
N ILE A 51 15.92 7.95 -18.08
CA ILE A 51 17.29 8.21 -18.48
C ILE A 51 17.81 7.06 -19.33
N SER A 52 18.36 7.41 -20.48
CA SER A 52 18.93 6.44 -21.41
C SER A 52 20.14 5.75 -20.80
N ILE A 53 20.52 4.66 -21.45
CA ILE A 53 21.60 3.78 -21.06
C ILE A 53 22.89 4.50 -20.68
N SER A 54 23.27 5.47 -21.51
CA SER A 54 24.53 6.16 -21.35
C SER A 54 24.39 7.40 -20.47
N GLY A 55 23.16 7.83 -20.22
CA GLY A 55 22.93 9.06 -19.47
C GLY A 55 22.90 10.28 -20.39
N GLY A 56 23.02 10.07 -21.69
CA GLY A 56 23.05 11.19 -22.63
C GLY A 56 21.71 11.78 -23.02
N SER A 57 20.63 11.03 -22.78
CA SER A 57 19.27 11.49 -23.09
C SER A 57 18.40 11.32 -21.86
N THR A 58 17.49 12.26 -21.67
CA THR A 58 16.87 12.46 -20.40
C THR A 58 15.47 13.07 -20.68
N TYR A 59 14.42 12.42 -20.16
CA TYR A 59 13.03 12.79 -20.52
C TYR A 59 12.19 12.94 -19.28
N TYR A 60 11.23 13.87 -19.31
CA TYR A 60 10.47 14.26 -18.13
C TYR A 60 8.99 14.45 -18.42
N THR A 61 8.15 14.07 -17.47
CA THR A 61 6.72 14.32 -17.61
C THR A 61 6.42 15.79 -17.40
N ASP A 62 5.35 16.23 -18.04
CA ASP A 62 4.94 17.63 -18.07
C ASP A 62 4.91 18.34 -16.70
N SER A 63 4.49 17.63 -15.66
CA SER A 63 4.15 18.24 -14.38
C SER A 63 5.36 18.26 -13.45
N VAL A 64 6.52 18.04 -14.03
CA VAL A 64 7.75 17.78 -13.30
C VAL A 64 8.92 18.57 -13.91
N LYS A 65 8.76 19.05 -15.14
CA LYS A 65 9.89 19.74 -15.77
C LYS A 65 10.24 21.09 -15.12
N GLY A 66 11.53 21.43 -15.16
CA GLY A 66 12.00 22.63 -14.48
C GLY A 66 12.28 22.39 -13.00
N ARG A 67 11.93 21.21 -12.49
CA ARG A 67 12.03 20.94 -11.04
C ARG A 67 12.74 19.64 -10.70
N PHE A 68 12.57 18.62 -11.54
CA PHE A 68 13.20 17.32 -11.29
C PHE A 68 14.45 17.14 -12.17
N THR A 69 15.46 16.44 -11.65
CA THR A 69 16.62 16.06 -12.46
C THR A 69 16.90 14.57 -12.25
N ILE A 70 16.99 13.80 -13.33
CA ILE A 70 17.38 12.41 -13.21
C ILE A 70 18.87 12.26 -13.57
N SER A 71 19.57 11.35 -12.88
CA SER A 71 20.94 11.04 -13.24
C SER A 71 21.21 9.58 -12.91
N ARG A 72 22.29 9.03 -13.46
CA ARG A 72 22.68 7.65 -13.17
C ARG A 72 24.21 7.57 -13.06
N ASP A 73 24.70 6.52 -12.40
CA ASP A 73 26.13 6.22 -12.30
C ASP A 73 26.32 4.72 -12.62
N ASN A 74 26.88 4.46 -13.79
CA ASN A 74 27.03 3.11 -14.31
C ASN A 74 28.23 2.31 -13.76
N SER A 75 29.10 2.97 -13.00
CA SER A 75 30.19 2.29 -12.29
C SER A 75 29.75 1.85 -10.90
N LYS A 76 28.71 2.50 -10.36
CA LYS A 76 28.20 2.13 -9.03
C LYS A 76 26.78 1.57 -9.07
N ASN A 77 26.26 1.37 -10.28
CA ASN A 77 24.94 0.79 -10.44
C ASN A 77 23.87 1.57 -9.68
N THR A 78 23.94 2.90 -9.74
CA THR A 78 22.91 3.67 -9.05
C THR A 78 22.17 4.61 -9.99
N LEU A 79 20.95 4.92 -9.60
CA LEU A 79 20.10 5.84 -10.33
C LEU A 79 19.61 6.87 -9.30
N SER A 80 19.42 8.11 -9.72
CA SER A 80 19.02 9.18 -8.81
C SER A 80 17.99 10.16 -9.38
N LEU A 81 17.05 10.55 -8.54
CA LEU A 81 16.08 11.57 -8.89
C LEU A 81 16.16 12.72 -7.88
N GLN A 82 16.64 13.87 -8.33
CA GLN A 82 16.57 15.09 -7.53
C GLN A 82 15.22 15.80 -7.72
N ILE A 83 14.44 15.94 -6.65
CA ILE A 83 13.10 16.56 -6.72
C ILE A 83 13.06 17.91 -5.98
N ASN A 84 12.78 18.98 -6.71
CA ASN A 84 12.89 20.33 -6.17
C ASN A 84 11.59 21.13 -6.15
N SER A 85 11.59 22.21 -5.37
CA SER A 85 10.45 23.12 -5.31
C SER A 85 9.19 22.29 -5.10
N LEU A 86 9.14 21.53 -4.02
CA LEU A 86 8.09 20.51 -3.87
C LEU A 86 6.79 21.11 -3.37
N ARG A 87 5.66 20.66 -3.88
CA ARG A 87 4.36 21.13 -3.40
C ARG A 87 3.63 19.94 -2.77
N PRO A 88 2.61 20.20 -1.90
CA PRO A 88 1.88 19.08 -1.25
C PRO A 88 1.42 18.02 -2.25
N GLU A 89 1.11 18.43 -3.47
CA GLU A 89 0.68 17.49 -4.48
C GLU A 89 1.83 16.62 -5.03
N ASP A 90 3.06 16.86 -4.57
CA ASP A 90 4.13 15.94 -4.96
C ASP A 90 4.23 14.78 -3.97
N THR A 91 3.38 14.83 -2.95
CA THR A 91 3.31 13.73 -1.99
C THR A 91 2.98 12.42 -2.71
N ALA A 92 3.89 11.46 -2.66
CA ALA A 92 3.69 10.20 -3.41
C ALA A 92 4.69 9.14 -3.06
N VAL A 93 4.36 7.91 -3.48
CA VAL A 93 5.35 6.84 -3.52
C VAL A 93 6.14 6.96 -4.84
N TYR A 94 7.46 6.92 -4.76
CA TYR A 94 8.28 7.01 -5.95
C TYR A 94 8.98 5.68 -6.12
N TYR A 95 8.71 5.04 -7.25
CA TYR A 95 9.35 3.77 -7.63
C TYR A 95 10.43 4.01 -8.68
N CYS A 96 11.57 3.34 -8.54
CA CYS A 96 12.45 3.21 -9.69
C CYS A 96 12.02 1.98 -10.47
N ALA A 97 12.16 2.04 -11.79
CA ALA A 97 11.67 0.98 -12.65
C ALA A 97 12.68 0.74 -13.74
N LYS A 98 13.05 -0.53 -13.93
CA LYS A 98 14.00 -0.92 -14.95
C LYS A 98 13.24 -1.06 -16.26
N GLU A 99 13.85 -0.66 -17.36
CA GLU A 99 13.21 -0.83 -18.65
C GLU A 99 13.64 -2.16 -19.24
N GLY A 100 12.70 -2.87 -19.85
CA GLY A 100 13.04 -3.99 -20.71
C GLY A 100 13.28 -3.36 -22.07
N TRP A 101 12.18 -3.09 -22.78
CA TRP A 101 12.24 -2.41 -24.06
C TRP A 101 10.93 -1.69 -24.37
N ALA A 102 10.83 -0.43 -23.94
CA ALA A 102 9.56 0.32 -23.95
C ALA A 102 8.46 -0.33 -23.06
N TYR A 103 8.91 -1.00 -22.01
CA TYR A 103 8.05 -1.45 -20.90
C TYR A 103 8.92 -1.51 -19.63
N PHE A 104 8.30 -1.76 -18.50
CA PHE A 104 9.01 -1.75 -17.24
C PHE A 104 8.86 -3.06 -16.48
N ASP A 105 9.87 -3.94 -16.59
CA ASP A 105 9.75 -5.33 -16.07
C ASP A 105 10.14 -5.56 -14.61
N TYR A 106 10.79 -4.60 -13.99
CA TYR A 106 11.15 -4.71 -12.57
C TYR A 106 10.99 -3.36 -11.87
N TRP A 107 10.24 -3.36 -10.78
CA TRP A 107 9.99 -2.17 -9.98
C TRP A 107 10.56 -2.28 -8.59
N GLY A 108 11.01 -1.16 -8.06
CA GLY A 108 11.39 -1.09 -6.67
C GLY A 108 10.13 -1.00 -5.82
N GLN A 109 10.26 -1.24 -4.53
CA GLN A 109 9.11 -1.18 -3.65
C GLN A 109 8.67 0.25 -3.40
N GLY A 110 9.57 1.20 -3.64
CA GLY A 110 9.20 2.61 -3.56
C GLY A 110 9.50 3.34 -2.26
N VAL A 111 9.72 4.63 -2.35
CA VAL A 111 9.84 5.44 -1.14
C VAL A 111 8.79 6.54 -1.11
N LEU A 112 8.22 6.78 0.06
CA LEU A 112 7.16 7.75 0.22
C LEU A 112 7.75 9.11 0.54
N VAL A 113 7.41 10.10 -0.27
CA VAL A 113 7.79 11.49 -0.04
C VAL A 113 6.54 12.19 0.49
N THR A 114 6.64 12.80 1.66
CA THR A 114 5.54 13.55 2.23
C THR A 114 5.96 15.01 2.32
N VAL A 115 5.25 15.86 1.59
CA VAL A 115 5.53 17.28 1.56
C VAL A 115 4.53 17.99 2.47
N SER A 116 4.97 18.39 3.65
CA SER A 116 4.11 19.15 4.54
C SER A 116 4.89 20.14 5.43
N GLY A 117 4.19 21.15 5.92
CA GLY A 117 4.78 22.12 6.82
C GLY A 117 4.88 21.62 8.26
N ALA A 118 4.33 20.44 8.51
CA ALA A 118 4.41 19.86 9.85
C ALA A 118 5.80 19.30 10.11
N SER A 119 6.03 18.80 11.31
CA SER A 119 7.32 18.22 11.68
C SER A 119 7.23 16.72 11.95
N THR A 120 8.40 16.08 11.97
CA THR A 120 8.57 14.64 12.14
C THR A 120 8.24 14.23 13.58
N LYS A 121 7.63 13.06 13.77
CA LYS A 121 7.36 12.53 15.11
C LYS A 121 7.37 10.99 15.10
N GLY A 122 8.23 10.40 15.92
CA GLY A 122 8.35 8.97 16.01
C GLY A 122 7.18 8.32 16.71
N PRO A 123 7.00 7.02 16.51
CA PRO A 123 5.87 6.29 17.08
C PRO A 123 6.06 5.93 18.55
N SER A 124 4.95 5.87 19.29
CA SER A 124 4.94 5.24 20.59
C SER A 124 4.37 3.83 20.39
N VAL A 125 5.10 2.81 20.80
CA VAL A 125 4.72 1.43 20.51
C VAL A 125 4.19 0.68 21.74
N PHE A 126 2.90 0.37 21.73
CA PHE A 126 2.24 -0.26 22.87
C PHE A 126 1.85 -1.71 22.57
N PRO A 127 1.90 -2.58 23.58
CA PRO A 127 1.56 -3.98 23.30
C PRO A 127 0.06 -4.24 23.43
N LEU A 128 -0.50 -5.00 22.51
CA LEU A 128 -1.84 -5.54 22.70
C LEU A 128 -1.65 -6.96 23.18
N ALA A 129 -1.83 -7.18 24.46
CA ALA A 129 -1.53 -8.47 25.08
C ALA A 129 -2.67 -9.47 24.99
N PRO A 130 -2.31 -10.77 24.83
CA PRO A 130 -3.28 -11.88 24.78
C PRO A 130 -3.59 -12.42 26.16
N THR A 138 -6.41 -20.76 20.20
CA THR A 138 -5.80 -19.68 19.42
C THR A 138 -5.96 -18.34 20.12
N ALA A 139 -4.85 -17.62 20.27
CA ALA A 139 -4.84 -16.28 20.85
C ALA A 139 -4.32 -15.30 19.82
N ALA A 140 -4.59 -14.02 20.02
CA ALA A 140 -4.03 -13.00 19.14
C ALA A 140 -3.30 -11.99 19.98
N LEU A 141 -2.07 -11.68 19.57
CA LEU A 141 -1.31 -10.65 20.26
C LEU A 141 -0.89 -9.64 19.21
N GLY A 142 -0.58 -8.41 19.62
CA GLY A 142 -0.25 -7.42 18.63
C GLY A 142 0.50 -6.22 19.14
N CYS A 143 0.73 -5.27 18.24
CA CYS A 143 1.38 -4.03 18.60
C CYS A 143 0.55 -2.89 18.05
N LEU A 144 0.32 -1.89 18.89
CA LEU A 144 -0.33 -0.65 18.52
C LEU A 144 0.72 0.43 18.37
N VAL A 145 1.02 0.77 17.12
CA VAL A 145 2.01 1.80 16.76
C VAL A 145 1.32 3.15 16.63
N LYS A 146 1.45 4.00 17.64
CA LYS A 146 0.60 5.18 17.77
C LYS A 146 1.30 6.55 17.64
N ASP A 147 0.61 7.50 17.00
CA ASP A 147 1.01 8.90 16.95
C ASP A 147 2.36 9.18 16.28
N TYR A 148 2.50 8.76 15.03
CA TYR A 148 3.72 9.05 14.30
C TYR A 148 3.39 9.94 13.11
N PHE A 149 4.43 10.47 12.47
CA PHE A 149 4.28 11.33 11.32
C PHE A 149 5.67 11.47 10.74
N PRO A 150 5.78 11.46 9.41
CA PRO A 150 4.68 11.10 8.52
C PRO A 150 4.67 9.58 8.36
N GLU A 151 3.94 9.06 7.39
CA GLU A 151 4.10 7.66 6.96
C GLU A 151 5.45 7.58 6.23
N PRO A 152 6.04 6.37 6.11
CA PRO A 152 5.49 5.07 6.51
C PRO A 152 6.19 4.40 7.68
N VAL A 153 5.50 3.41 8.24
CA VAL A 153 6.04 2.55 9.27
C VAL A 153 6.03 1.13 8.72
N THR A 154 7.13 0.39 8.89
CA THR A 154 7.08 -1.04 8.56
C THR A 154 7.11 -1.84 9.86
N VAL A 155 6.46 -3.00 9.86
CA VAL A 155 6.44 -3.85 11.04
C VAL A 155 6.83 -5.29 10.69
N SER A 156 7.78 -5.84 11.43
CA SER A 156 8.09 -7.27 11.30
C SER A 156 7.92 -7.93 12.67
N TRP A 157 7.72 -9.23 12.69
CA TRP A 157 7.64 -9.92 13.96
C TRP A 157 8.82 -10.87 14.13
N ASN A 158 9.53 -10.74 15.25
CA ASN A 158 10.69 -11.58 15.54
C ASN A 158 11.69 -11.54 14.39
N SER A 159 12.10 -10.34 14.01
CA SER A 159 13.08 -10.11 12.94
C SER A 159 12.68 -10.76 11.62
N GLY A 160 11.39 -10.88 11.37
CA GLY A 160 10.92 -11.47 10.14
C GLY A 160 10.91 -13.00 10.13
N ALA A 161 11.29 -13.60 11.26
CA ALA A 161 11.23 -15.06 11.38
C ALA A 161 9.78 -15.53 11.41
N LEU A 162 8.94 -14.75 12.09
CA LEU A 162 7.52 -15.09 12.23
C LEU A 162 6.70 -14.51 11.07
N THR A 163 6.03 -15.40 10.33
CA THR A 163 5.34 -15.02 9.10
C THR A 163 3.84 -15.32 9.14
N SER A 164 3.48 -16.48 9.67
CA SER A 164 2.09 -16.94 9.66
C SER A 164 1.21 -16.24 10.69
N GLY A 165 0.00 -15.90 10.28
CA GLY A 165 -0.94 -15.26 11.18
C GLY A 165 -0.69 -13.77 11.32
N VAL A 166 0.30 -13.27 10.59
CA VAL A 166 0.63 -11.85 10.66
C VAL A 166 -0.25 -11.07 9.71
N HIS A 167 -0.89 -10.04 10.23
CA HIS A 167 -1.56 -9.04 9.40
C HIS A 167 -1.29 -7.68 10.01
N THR A 168 -0.60 -6.82 9.26
CA THR A 168 -0.46 -5.41 9.65
C THR A 168 -1.52 -4.66 8.90
N PHE A 169 -2.29 -3.85 9.61
CA PHE A 169 -3.39 -3.12 9.02
C PHE A 169 -2.89 -1.80 8.47
N PRO A 170 -3.65 -1.22 7.52
CA PRO A 170 -3.41 0.14 7.07
C PRO A 170 -3.41 1.13 8.23
N ALA A 171 -2.80 2.29 8.05
CA ALA A 171 -2.77 3.31 9.08
C ALA A 171 -4.07 4.10 9.11
N VAL A 172 -4.30 4.77 10.23
CA VAL A 172 -5.47 5.59 10.40
C VAL A 172 -5.00 7.01 10.66
N LEU A 173 -5.54 7.96 9.90
CA LEU A 173 -5.22 9.36 10.13
C LEU A 173 -6.21 9.96 11.13
N GLN A 174 -5.70 10.44 12.26
CA GLN A 174 -6.56 11.00 13.29
C GLN A 174 -6.70 12.52 13.11
N SER A 175 -7.74 13.09 13.69
CA SER A 175 -7.99 14.52 13.61
C SER A 175 -6.86 15.34 14.23
N SER A 176 -5.96 14.68 14.95
CA SER A 176 -4.76 15.31 15.47
C SER A 176 -3.81 15.67 14.32
N GLY A 177 -3.74 14.81 13.32
CA GLY A 177 -2.78 14.99 12.24
C GLY A 177 -1.73 13.88 12.25
N LEU A 178 -1.90 12.92 13.15
CA LEU A 178 -0.96 11.83 13.28
C LEU A 178 -1.54 10.49 12.86
N TYR A 179 -0.64 9.58 12.52
CA TYR A 179 -1.06 8.26 12.13
C TYR A 179 -0.97 7.29 13.31
N SER A 180 -1.54 6.12 13.12
CA SER A 180 -1.57 5.08 14.12
C SER A 180 -1.99 3.85 13.35
N LEU A 181 -1.33 2.72 13.62
CA LEU A 181 -1.75 1.46 13.01
C LEU A 181 -1.53 0.36 14.01
N SER A 182 -1.91 -0.86 13.66
CA SER A 182 -1.63 -1.98 14.53
C SER A 182 -1.25 -3.18 13.71
N SER A 183 -0.47 -4.07 14.31
CA SER A 183 -0.08 -5.29 13.65
C SER A 183 -0.52 -6.41 14.56
N VAL A 184 -1.05 -7.49 13.99
CA VAL A 184 -1.60 -8.55 14.81
C VAL A 184 -1.08 -9.90 14.33
N VAL A 185 -0.81 -10.79 15.29
CA VAL A 185 -0.48 -12.17 14.96
C VAL A 185 -1.38 -13.13 15.73
N THR A 186 -1.75 -14.21 15.06
CA THR A 186 -2.56 -15.25 15.65
C THR A 186 -1.70 -16.47 15.93
N VAL A 187 -1.64 -16.83 17.19
CA VAL A 187 -0.69 -17.83 17.67
C VAL A 187 -1.42 -18.93 18.43
N PRO A 188 -0.85 -20.15 18.42
CA PRO A 188 -1.48 -21.23 19.16
C PRO A 188 -1.41 -20.90 20.65
N SER A 189 -2.57 -20.86 21.31
CA SER A 189 -2.64 -20.51 22.73
C SER A 189 -1.62 -21.27 23.58
N SER A 190 -1.29 -22.48 23.14
CA SER A 190 -0.41 -23.38 23.88
C SER A 190 1.04 -22.90 24.00
N SER A 191 1.36 -21.76 23.41
CA SER A 191 2.76 -21.30 23.39
C SER A 191 3.00 -19.94 24.05
N LEU A 192 1.99 -19.43 24.76
CA LEU A 192 2.09 -18.14 25.43
C LEU A 192 3.19 -18.08 26.50
N GLY A 193 3.64 -19.24 26.97
CA GLY A 193 4.65 -19.28 28.01
C GLY A 193 6.03 -19.68 27.51
N THR A 194 6.07 -20.30 26.34
CA THR A 194 7.32 -20.86 25.81
C THR A 194 8.00 -20.02 24.73
N GLN A 195 7.20 -19.43 23.85
CA GLN A 195 7.76 -18.64 22.76
C GLN A 195 7.79 -17.15 23.11
N THR A 196 8.75 -16.43 22.54
CA THR A 196 8.88 -15.01 22.77
C THR A 196 8.39 -14.25 21.53
N TYR A 197 7.54 -13.25 21.75
CA TYR A 197 6.98 -12.47 20.65
C TYR A 197 7.44 -11.03 20.69
N ILE A 198 8.23 -10.65 19.68
CA ILE A 198 8.79 -9.30 19.60
C ILE A 198 8.38 -8.61 18.30
N CYS A 199 7.72 -7.45 18.41
CA CYS A 199 7.40 -6.66 17.22
C CYS A 199 8.44 -5.55 16.97
N ASN A 200 8.95 -5.55 15.75
CA ASN A 200 10.00 -4.63 15.32
C ASN A 200 9.37 -3.59 14.43
N VAL A 201 9.42 -2.34 14.87
CA VAL A 201 8.73 -1.26 14.18
C VAL A 201 9.72 -0.24 13.66
N ASN A 202 9.85 -0.17 12.34
CA ASN A 202 10.76 0.78 11.73
C ASN A 202 10.06 2.03 11.24
N HIS A 203 10.50 3.19 11.74
CA HIS A 203 10.01 4.47 11.25
C HIS A 203 11.16 5.33 10.69
N LYS A 204 11.62 4.91 9.51
CA LYS A 204 12.71 5.55 8.79
C LYS A 204 12.65 7.09 8.69
N PRO A 205 11.46 7.67 8.44
CA PRO A 205 11.44 9.15 8.40
C PRO A 205 11.91 9.86 9.67
N SER A 206 11.93 9.18 10.81
CA SER A 206 12.48 9.77 12.03
C SER A 206 13.77 9.09 12.49
N ASN A 207 14.31 8.19 11.68
CA ASN A 207 15.43 7.36 12.13
C ASN A 207 15.19 6.64 13.46
N THR A 208 13.92 6.40 13.78
CA THR A 208 13.60 5.64 14.97
C THR A 208 13.27 4.21 14.61
N LYS A 209 13.77 3.28 15.40
CA LYS A 209 13.39 1.90 15.29
C LYS A 209 13.08 1.47 16.71
N VAL A 210 11.96 0.77 16.89
CA VAL A 210 11.53 0.36 18.22
C VAL A 210 11.11 -1.11 18.24
N ASP A 211 11.73 -1.90 19.12
CA ASP A 211 11.31 -3.29 19.29
C ASP A 211 10.57 -3.41 20.60
N LYS A 212 9.37 -3.96 20.55
CA LYS A 212 8.57 -4.16 21.75
C LYS A 212 8.36 -5.64 21.99
N ARG A 213 8.56 -6.07 23.23
CA ARG A 213 8.25 -7.44 23.58
C ARG A 213 6.79 -7.49 24.02
N VAL A 214 6.01 -8.40 23.45
CA VAL A 214 4.64 -8.56 23.91
C VAL A 214 4.57 -9.78 24.82
N GLU A 215 3.94 -9.61 25.98
CA GLU A 215 3.80 -10.69 26.95
C GLU A 215 2.34 -10.81 27.34
N PRO A 216 1.94 -12.00 27.84
CA PRO A 216 0.54 -12.18 28.24
C PRO A 216 0.15 -11.24 29.38
N LYS A 217 -1.12 -10.83 29.41
CA LYS A 217 -1.65 -9.92 30.41
C LYS A 217 -1.40 -10.43 31.83
N SER A 218 -1.32 -9.50 32.78
CA SER A 218 -1.15 -9.82 34.20
C SER A 218 -2.37 -10.57 34.75
N GLN B 1 -0.67 16.37 -22.37
CA GLN B 1 -0.20 15.67 -21.17
C GLN B 1 -1.28 14.79 -20.52
N SER B 2 -2.34 14.49 -21.26
CA SER B 2 -3.48 13.75 -20.71
C SER B 2 -3.27 12.23 -20.75
N ALA B 3 -3.65 11.58 -19.66
CA ALA B 3 -3.50 10.14 -19.50
C ALA B 3 -4.26 9.28 -20.53
N LEU B 4 -3.89 8.01 -20.63
CA LEU B 4 -4.70 7.06 -21.37
C LEU B 4 -5.95 6.84 -20.53
N THR B 5 -7.10 6.64 -21.17
CA THR B 5 -8.36 6.53 -20.42
C THR B 5 -8.77 5.07 -20.23
N GLN B 6 -9.08 4.69 -18.99
CA GLN B 6 -9.62 3.35 -18.68
C GLN B 6 -10.93 3.50 -17.90
N PRO B 7 -11.73 2.42 -17.84
CA PRO B 7 -12.86 2.41 -16.88
C PRO B 7 -12.33 2.35 -15.45
N PRO B 8 -12.86 3.20 -14.58
CA PRO B 8 -12.36 3.15 -13.21
C PRO B 8 -12.67 1.85 -12.48
N SER B 9 -13.87 1.30 -12.69
CA SER B 9 -14.28 0.08 -11.98
C SER B 9 -14.82 -1.00 -12.90
N VAL B 10 -14.54 -2.25 -12.57
CA VAL B 10 -15.19 -3.36 -13.25
C VAL B 10 -15.51 -4.42 -12.24
N SER B 11 -16.80 -4.76 -12.13
CA SER B 11 -17.22 -5.81 -11.22
C SER B 11 -17.64 -7.02 -12.02
N LYS B 12 -17.00 -8.15 -11.77
CA LYS B 12 -17.34 -9.39 -12.46
C LYS B 12 -17.30 -10.56 -11.50
N SER B 13 -17.77 -11.72 -11.99
CA SER B 13 -17.87 -12.93 -11.17
C SER B 13 -16.79 -13.94 -11.52
N LEU B 14 -16.53 -14.84 -10.57
CA LEU B 14 -15.61 -15.96 -10.74
C LEU B 14 -15.90 -16.78 -11.99
N GLY B 15 -14.87 -17.07 -12.77
CA GLY B 15 -15.00 -17.95 -13.92
C GLY B 15 -15.39 -17.21 -15.17
N GLN B 16 -15.88 -15.98 -15.02
CA GLN B 16 -16.22 -15.15 -16.18
C GLN B 16 -14.99 -14.62 -16.89
N SER B 17 -15.17 -14.11 -18.10
CA SER B 17 -14.10 -13.40 -18.80
C SER B 17 -14.37 -11.88 -18.79
N VAL B 18 -13.31 -11.09 -18.64
CA VAL B 18 -13.48 -9.64 -18.62
C VAL B 18 -12.54 -9.03 -19.64
N THR B 19 -12.89 -7.84 -20.14
CA THR B 19 -12.03 -7.06 -21.03
C THR B 19 -12.01 -5.61 -20.55
N ILE B 20 -10.82 -5.05 -20.49
CA ILE B 20 -10.57 -3.73 -20.00
C ILE B 20 -9.99 -2.90 -21.13
N SER B 21 -10.63 -1.77 -21.39
CA SER B 21 -10.23 -0.88 -22.47
C SER B 21 -9.28 0.20 -22.01
N CYS B 22 -8.48 0.64 -22.96
CA CYS B 22 -7.52 1.69 -22.72
C CYS B 22 -7.39 2.52 -23.98
N THR B 23 -7.85 3.76 -23.96
CA THR B 23 -7.87 4.54 -25.18
C THR B 23 -6.88 5.68 -25.13
N GLY B 24 -6.19 5.88 -26.25
CA GLY B 24 -5.20 6.92 -26.34
C GLY B 24 -5.37 7.75 -27.59
N THR B 25 -4.24 8.19 -28.13
CA THR B 25 -4.20 9.03 -29.31
C THR B 25 -3.17 8.41 -30.25
N ASN B 26 -3.12 8.90 -31.48
CA ASN B 26 -2.17 8.39 -32.47
C ASN B 26 -0.69 8.41 -32.05
N SER B 27 -0.34 9.25 -31.07
CA SER B 27 1.05 9.42 -30.66
C SER B 27 1.53 8.37 -29.67
N ASP B 28 0.62 7.52 -29.21
CA ASP B 28 0.99 6.50 -28.25
C ASP B 28 0.56 5.10 -28.71
N ILE B 29 -0.68 4.72 -28.41
CA ILE B 29 -1.21 3.43 -28.78
C ILE B 29 -1.33 3.23 -30.31
N GLY B 30 -1.65 4.29 -31.03
CA GLY B 30 -1.74 4.19 -32.49
C GLY B 30 -0.46 3.78 -33.22
N ASP B 31 0.57 4.61 -33.12
CA ASP B 31 1.79 4.42 -33.94
C ASP B 31 2.85 3.46 -33.41
N TYR B 32 2.74 3.02 -32.15
CA TYR B 32 3.75 2.14 -31.58
C TYR B 32 3.18 0.84 -31.03
N ASN B 33 4.00 -0.20 -31.03
CA ASN B 33 3.71 -1.40 -30.26
C ASN B 33 4.34 -1.28 -28.88
N GLY B 34 4.24 -0.11 -28.28
CA GLY B 34 4.88 0.13 -26.99
C GLY B 34 3.85 0.12 -25.88
N VAL B 35 2.91 -0.80 -25.96
CA VAL B 35 1.81 -0.88 -25.01
C VAL B 35 2.01 -1.98 -24.00
N SER B 36 2.03 -1.58 -22.74
CA SER B 36 2.22 -2.55 -21.67
C SER B 36 1.13 -2.40 -20.62
N TRP B 37 0.90 -3.47 -19.87
CA TRP B 37 -0.13 -3.51 -18.84
C TRP B 37 0.46 -4.03 -17.53
N TYR B 38 -0.04 -3.45 -16.44
CA TYR B 38 0.49 -3.68 -15.10
C TYR B 38 -0.62 -4.01 -14.12
N GLN B 39 -0.31 -4.90 -13.18
CA GLN B 39 -1.20 -5.27 -12.10
C GLN B 39 -0.62 -4.76 -10.76
N GLN B 40 -1.50 -4.30 -9.89
CA GLN B 40 -1.09 -3.80 -8.57
C GLN B 40 -2.07 -4.27 -7.51
N HIS B 41 -1.56 -5.05 -6.56
CA HIS B 41 -2.34 -5.45 -5.40
C HIS B 41 -2.07 -4.40 -4.34
N SER B 42 -2.81 -4.40 -3.24
CA SER B 42 -2.66 -3.28 -2.30
C SER B 42 -1.39 -3.40 -1.46
N GLY B 43 -0.75 -2.27 -1.22
CA GLY B 43 0.47 -2.25 -0.44
C GLY B 43 1.66 -2.86 -1.16
N THR B 44 1.55 -3.02 -2.47
CA THR B 44 2.69 -3.53 -3.22
C THR B 44 2.91 -2.81 -4.55
N ALA B 45 4.13 -2.91 -5.06
CA ALA B 45 4.53 -2.27 -6.30
C ALA B 45 3.83 -2.94 -7.46
N PRO B 46 3.59 -2.18 -8.54
CA PRO B 46 3.03 -2.72 -9.78
C PRO B 46 3.88 -3.85 -10.33
N ARG B 47 3.23 -4.78 -11.01
CA ARG B 47 3.96 -5.83 -11.72
C ARG B 47 3.56 -5.85 -13.19
N LEU B 48 4.54 -6.12 -14.05
CA LEU B 48 4.29 -6.18 -15.49
C LEU B 48 3.46 -7.40 -15.87
N LEU B 49 2.41 -7.17 -16.64
CA LEU B 49 1.47 -8.22 -17.02
C LEU B 49 1.59 -8.54 -18.49
N ILE B 50 1.70 -7.48 -19.29
CA ILE B 50 1.71 -7.65 -20.76
C ILE B 50 2.67 -6.60 -21.31
N TYR B 51 3.48 -6.97 -22.29
CA TYR B 51 4.33 -5.99 -22.98
C TYR B 51 4.22 -6.16 -24.49
N ASP B 52 4.74 -5.17 -25.21
CA ASP B 52 4.69 -5.14 -26.67
C ASP B 52 3.31 -5.47 -27.16
N VAL B 53 2.31 -4.83 -26.55
CA VAL B 53 0.90 -4.99 -26.93
C VAL B 53 0.27 -6.30 -26.51
N SER B 54 0.95 -7.41 -26.77
CA SER B 54 0.33 -8.70 -26.59
C SER B 54 1.26 -9.80 -26.06
N LYS B 55 2.47 -9.45 -25.64
CA LYS B 55 3.37 -10.49 -25.18
C LYS B 55 3.26 -10.71 -23.68
N ARG B 56 3.29 -11.97 -23.28
CA ARG B 56 3.19 -12.34 -21.88
C ARG B 56 4.58 -12.71 -21.35
N PRO B 57 5.01 -12.05 -20.27
CA PRO B 57 6.23 -12.48 -19.59
C PRO B 57 6.02 -13.82 -18.90
N SER B 58 7.08 -14.62 -18.79
CA SER B 58 6.97 -15.93 -18.16
C SER B 58 6.61 -15.77 -16.69
N GLY B 59 5.83 -16.70 -16.17
CA GLY B 59 5.33 -16.51 -14.82
C GLY B 59 3.90 -15.96 -14.82
N VAL B 60 3.60 -15.09 -15.76
CA VAL B 60 2.24 -14.55 -15.90
C VAL B 60 1.24 -15.58 -16.45
N SER B 61 0.17 -15.82 -15.71
CA SER B 61 -0.91 -16.71 -16.13
C SER B 61 -1.36 -16.40 -17.56
N ASP B 62 -1.59 -17.45 -18.35
CA ASP B 62 -2.02 -17.27 -19.73
C ASP B 62 -3.50 -16.94 -19.86
N ARG B 63 -4.19 -16.79 -18.73
CA ARG B 63 -5.55 -16.28 -18.75
C ARG B 63 -5.56 -14.79 -19.13
N PHE B 64 -4.37 -14.19 -19.16
CA PHE B 64 -4.17 -12.77 -19.50
C PHE B 64 -3.69 -12.58 -20.93
N SER B 65 -4.40 -11.79 -21.72
CA SER B 65 -3.99 -11.55 -23.09
C SER B 65 -4.19 -10.09 -23.47
N GLY B 66 -3.35 -9.58 -24.35
CA GLY B 66 -3.40 -8.18 -24.71
C GLY B 66 -3.61 -8.00 -26.20
N SER B 67 -4.15 -6.85 -26.60
CA SER B 67 -4.21 -6.50 -28.01
C SER B 67 -4.43 -5.00 -28.20
N LYS B 68 -4.54 -4.58 -29.46
CA LYS B 68 -4.90 -3.20 -29.76
C LYS B 68 -5.47 -3.07 -31.17
N SER B 69 -6.16 -1.97 -31.42
CA SER B 69 -6.77 -1.70 -32.70
C SER B 69 -7.01 -0.19 -32.72
N GLY B 70 -6.46 0.48 -33.73
CA GLY B 70 -6.42 1.93 -33.79
C GLY B 70 -5.73 2.52 -32.58
N ASN B 71 -6.42 3.38 -31.85
CA ASN B 71 -5.87 4.01 -30.67
C ASN B 71 -6.39 3.38 -29.39
N THR B 72 -6.91 2.15 -29.50
CA THR B 72 -7.49 1.48 -28.31
C THR B 72 -6.80 0.15 -28.03
N ALA B 73 -6.37 -0.04 -26.78
CA ALA B 73 -5.73 -1.26 -26.35
C ALA B 73 -6.70 -2.01 -25.43
N SER B 74 -6.61 -3.33 -25.47
CA SER B 74 -7.51 -4.20 -24.72
C SER B 74 -6.74 -5.18 -23.88
N LEU B 75 -7.12 -5.31 -22.62
CA LEU B 75 -6.57 -6.36 -21.78
C LEU B 75 -7.69 -7.30 -21.47
N THR B 76 -7.49 -8.58 -21.75
CA THR B 76 -8.55 -9.58 -21.55
C THR B 76 -8.10 -10.61 -20.52
N ILE B 77 -8.99 -10.94 -19.59
CA ILE B 77 -8.70 -11.87 -18.51
C ILE B 77 -9.74 -12.99 -18.55
N SER B 78 -9.28 -14.18 -18.87
CA SER B 78 -10.19 -15.31 -18.96
C SER B 78 -10.29 -16.05 -17.63
N GLY B 79 -11.48 -16.58 -17.35
CA GLY B 79 -11.74 -17.33 -16.14
C GLY B 79 -11.28 -16.63 -14.88
N LEU B 80 -11.83 -15.43 -14.64
CA LEU B 80 -11.60 -14.69 -13.41
C LEU B 80 -11.43 -15.61 -12.21
N GLN B 81 -10.30 -15.43 -11.53
CA GLN B 81 -10.02 -16.09 -10.26
C GLN B 81 -9.91 -14.99 -9.20
N ALA B 82 -10.01 -15.37 -7.94
CA ALA B 82 -10.06 -14.39 -6.84
C ALA B 82 -8.80 -13.55 -6.76
N GLU B 83 -7.68 -14.14 -7.17
CA GLU B 83 -6.39 -13.44 -7.13
C GLU B 83 -6.30 -12.32 -8.16
N ASP B 84 -7.16 -12.34 -9.17
CA ASP B 84 -7.12 -11.31 -10.22
C ASP B 84 -7.64 -9.96 -9.69
N GLU B 85 -8.22 -9.98 -8.49
CA GLU B 85 -8.74 -8.78 -7.88
C GLU B 85 -7.57 -7.81 -7.62
N ALA B 86 -7.46 -6.79 -8.45
CA ALA B 86 -6.30 -5.92 -8.43
C ALA B 86 -6.63 -4.64 -9.17
N ASP B 87 -5.67 -3.71 -9.19
CA ASP B 87 -5.77 -2.55 -10.05
C ASP B 87 -4.98 -2.84 -11.31
N TYR B 88 -5.53 -2.46 -12.44
CA TYR B 88 -4.85 -2.65 -13.71
C TYR B 88 -4.55 -1.31 -14.41
N TYR B 89 -3.31 -1.17 -14.88
CA TYR B 89 -2.89 0.05 -15.56
C TYR B 89 -2.42 -0.20 -16.97
N CYS B 90 -2.92 0.63 -17.87
CA CYS B 90 -2.48 0.71 -19.24
C CYS B 90 -1.22 1.57 -19.24
N CYS B 91 -0.32 1.35 -20.19
CA CYS B 91 0.86 2.21 -20.35
C CYS B 91 1.37 2.20 -21.79
N SER B 92 1.88 3.35 -22.25
CA SER B 92 2.42 3.41 -23.61
C SER B 92 3.56 4.39 -23.81
N TYR B 93 4.50 4.01 -24.68
CA TYR B 93 5.45 4.97 -25.21
C TYR B 93 4.66 6.07 -25.92
N ARG B 94 5.19 7.29 -25.93
CA ARG B 94 4.59 8.40 -26.62
C ARG B 94 5.69 9.14 -27.39
N THR B 95 5.40 9.53 -28.64
CA THR B 95 6.32 10.28 -29.47
C THR B 95 6.90 11.46 -28.66
N GLY B 96 8.22 11.59 -28.67
CA GLY B 96 8.87 12.61 -27.84
C GLY B 96 9.71 11.94 -26.74
N GLY B 97 9.56 10.63 -26.62
CA GLY B 97 10.35 9.85 -25.68
C GLY B 97 9.76 9.70 -24.27
N THR B 98 8.48 10.02 -24.11
CA THR B 98 7.86 9.87 -22.80
C THR B 98 7.09 8.54 -22.68
N TYR B 99 6.73 8.18 -21.46
CA TYR B 99 5.71 7.18 -21.25
C TYR B 99 4.48 7.81 -20.59
N ILE B 100 3.31 7.25 -20.88
CA ILE B 100 2.06 7.71 -20.27
C ILE B 100 1.26 6.51 -19.77
N PHE B 101 0.81 6.58 -18.52
CA PHE B 101 -0.10 5.57 -17.96
C PHE B 101 -1.56 5.85 -18.15
N GLY B 102 -2.33 4.77 -18.20
CA GLY B 102 -3.77 4.85 -18.08
C GLY B 102 -4.14 5.31 -16.67
N THR B 103 -5.34 5.87 -16.54
CA THR B 103 -5.88 6.32 -15.27
C THR B 103 -6.25 5.18 -14.30
N GLY B 104 -6.18 3.94 -14.75
CA GLY B 104 -6.42 2.84 -13.82
C GLY B 104 -7.80 2.22 -13.81
N THR B 105 -7.83 0.90 -13.57
CA THR B 105 -9.06 0.17 -13.45
C THR B 105 -9.06 -0.70 -12.20
N ARG B 106 -10.04 -0.56 -11.34
CA ARG B 106 -10.12 -1.45 -10.17
C ARG B 106 -11.01 -2.63 -10.51
N LEU B 107 -10.48 -3.85 -10.38
CA LEU B 107 -11.27 -5.04 -10.70
C LEU B 107 -11.75 -5.76 -9.45
N THR B 108 -13.07 -5.83 -9.31
CA THR B 108 -13.73 -6.57 -8.25
C THR B 108 -14.19 -7.94 -8.78
N VAL B 109 -13.90 -9.01 -8.05
CA VAL B 109 -14.29 -10.37 -8.41
C VAL B 109 -15.38 -10.82 -7.43
N LEU B 110 -16.61 -10.88 -7.93
CA LEU B 110 -17.78 -10.92 -7.06
C LEU B 110 -18.10 -12.26 -6.40
N GLY B 111 -18.27 -13.29 -7.18
CA GLY B 111 -19.01 -14.44 -6.68
C GLY B 111 -18.30 -15.35 -5.71
N GLN B 112 -17.42 -14.81 -4.87
CA GLN B 112 -16.63 -15.64 -3.97
C GLN B 112 -17.41 -16.13 -2.74
N PRO B 113 -16.95 -17.23 -2.13
CA PRO B 113 -17.60 -17.73 -0.91
C PRO B 113 -17.60 -16.69 0.21
N LYS B 114 -18.79 -16.43 0.75
CA LYS B 114 -18.95 -15.44 1.79
C LYS B 114 -18.35 -15.91 3.11
N GLY B 115 -17.53 -15.06 3.73
CA GLY B 115 -16.95 -15.34 5.04
C GLY B 115 -17.35 -14.32 6.09
N ALA B 116 -17.68 -14.80 7.28
CA ALA B 116 -18.15 -13.93 8.36
C ALA B 116 -16.97 -13.39 9.14
N PRO B 117 -17.08 -12.15 9.64
CA PRO B 117 -15.92 -11.52 10.26
C PRO B 117 -15.59 -12.13 11.62
N SER B 118 -14.31 -12.35 11.87
CA SER B 118 -13.88 -12.65 13.23
C SER B 118 -13.48 -11.31 13.83
N VAL B 119 -13.93 -11.08 15.06
CA VAL B 119 -13.73 -9.83 15.75
C VAL B 119 -12.88 -10.06 17.00
N THR B 120 -11.85 -9.25 17.16
CA THR B 120 -11.00 -9.32 18.34
C THR B 120 -10.89 -7.93 18.94
N LEU B 121 -11.13 -7.80 20.25
CA LEU B 121 -11.20 -6.48 20.89
C LEU B 121 -10.18 -6.30 22.04
N PHE B 122 -9.36 -5.26 21.96
CA PHE B 122 -8.32 -5.01 22.96
C PHE B 122 -8.53 -3.74 23.78
N PRO B 123 -8.55 -3.90 25.11
CA PRO B 123 -8.55 -2.79 26.07
C PRO B 123 -7.23 -2.05 25.96
N PRO B 124 -7.16 -0.84 26.51
CA PRO B 124 -5.88 -0.11 26.47
C PRO B 124 -4.80 -0.93 27.16
N SER B 125 -3.57 -0.87 26.65
CA SER B 125 -2.44 -1.46 27.34
C SER B 125 -2.17 -0.70 28.64
N SER B 126 -1.54 -1.36 29.61
CA SER B 126 -1.18 -0.70 30.86
C SER B 126 -0.21 0.48 30.63
N GLU B 127 0.79 0.27 29.78
CA GLU B 127 1.78 1.30 29.51
C GLU B 127 1.16 2.53 28.86
N GLU B 128 0.13 2.34 28.03
CA GLU B 128 -0.55 3.48 27.44
C GLU B 128 -1.25 4.28 28.54
N LEU B 129 -1.85 3.55 29.47
CA LEU B 129 -2.58 4.19 30.56
C LEU B 129 -1.63 5.00 31.42
N GLN B 130 -0.44 4.45 31.66
CA GLN B 130 0.58 5.15 32.43
C GLN B 130 0.96 6.46 31.74
N ALA B 131 0.80 6.50 30.42
CA ALA B 131 1.05 7.70 29.64
C ALA B 131 -0.21 8.55 29.51
N ASN B 132 -1.17 8.33 30.41
CA ASN B 132 -2.34 9.22 30.55
C ASN B 132 -3.27 9.20 29.33
N LYS B 133 -3.37 8.04 28.67
CA LYS B 133 -4.16 7.92 27.45
C LYS B 133 -4.83 6.54 27.42
N ALA B 134 -5.98 6.46 26.76
CA ALA B 134 -6.65 5.18 26.57
C ALA B 134 -7.02 4.99 25.09
N THR B 135 -6.86 3.78 24.59
CA THR B 135 -7.27 3.49 23.22
C THR B 135 -7.68 2.04 23.06
N LEU B 136 -8.95 1.83 22.74
CA LEU B 136 -9.47 0.50 22.47
C LEU B 136 -9.27 0.19 21.00
N VAL B 137 -8.93 -1.06 20.73
CA VAL B 137 -8.65 -1.46 19.34
C VAL B 137 -9.52 -2.64 18.95
N CYS B 138 -10.28 -2.47 17.88
CA CYS B 138 -11.14 -3.53 17.40
C CYS B 138 -10.60 -3.99 16.06
N LEU B 139 -10.18 -5.25 15.99
CA LEU B 139 -9.63 -5.80 14.76
C LEU B 139 -10.65 -6.76 14.16
N ILE B 140 -10.92 -6.59 12.89
CA ILE B 140 -11.88 -7.42 12.18
C ILE B 140 -11.13 -8.07 11.03
N SER B 141 -11.28 -9.38 10.87
CA SER B 141 -10.63 -10.04 9.75
C SER B 141 -11.43 -11.22 9.19
N ASP B 142 -11.01 -11.69 8.02
CA ASP B 142 -11.52 -12.92 7.42
C ASP B 142 -12.96 -12.83 6.88
N PHE B 143 -13.40 -11.63 6.57
CA PHE B 143 -14.76 -11.50 6.06
C PHE B 143 -14.82 -11.25 4.55
N TYR B 144 -15.67 -12.02 3.88
CA TYR B 144 -16.02 -11.74 2.49
C TYR B 144 -17.54 -11.74 2.40
N PRO B 145 -18.13 -10.75 1.71
CA PRO B 145 -17.47 -9.68 0.95
C PRO B 145 -16.87 -8.58 1.84
N GLY B 146 -16.50 -7.46 1.25
CA GLY B 146 -15.67 -6.47 1.92
C GLY B 146 -16.39 -5.33 2.61
N ALA B 147 -17.71 -5.30 2.57
CA ALA B 147 -18.44 -4.21 3.20
C ALA B 147 -18.73 -4.51 4.67
N VAL B 148 -18.35 -3.59 5.56
CA VAL B 148 -18.71 -3.66 6.99
C VAL B 148 -19.05 -2.26 7.52
N THR B 149 -19.88 -2.25 8.56
CA THR B 149 -20.16 -1.03 9.31
C THR B 149 -19.68 -1.29 10.74
N VAL B 150 -18.90 -0.38 11.30
CA VAL B 150 -18.42 -0.56 12.66
C VAL B 150 -18.98 0.48 13.62
N ALA B 151 -19.67 0.01 14.65
CA ALA B 151 -20.24 0.90 15.65
C ALA B 151 -19.59 0.65 17.00
N TRP B 152 -19.58 1.65 17.87
CA TRP B 152 -19.04 1.46 19.20
C TRP B 152 -20.08 1.77 20.24
N LYS B 153 -20.06 1.03 21.33
CA LYS B 153 -20.95 1.26 22.44
C LYS B 153 -20.17 1.49 23.73
N ALA B 154 -20.78 2.21 24.65
CA ALA B 154 -20.29 2.35 26.00
C ALA B 154 -21.42 1.85 26.87
N ASP B 155 -21.17 0.77 27.60
CA ASP B 155 -22.23 -0.01 28.23
C ASP B 155 -23.22 -0.46 27.17
N SER B 156 -24.13 0.44 26.79
CA SER B 156 -25.13 0.15 25.77
C SER B 156 -25.62 1.41 25.06
N SER B 157 -25.03 2.55 25.42
CA SER B 157 -25.28 3.80 24.74
C SER B 157 -24.32 3.91 23.56
N PRO B 158 -24.76 4.52 22.44
CA PRO B 158 -23.86 4.57 21.28
C PRO B 158 -22.78 5.63 21.42
N VAL B 159 -21.59 5.35 20.89
CA VAL B 159 -20.49 6.30 20.89
C VAL B 159 -20.13 6.69 19.46
N GLY B 162 -15.06 9.61 19.51
CA GLY B 162 -13.66 9.46 19.17
C GLY B 162 -13.36 8.14 18.49
N VAL B 163 -14.00 7.92 17.34
CA VAL B 163 -13.89 6.66 16.61
C VAL B 163 -13.29 6.87 15.24
N GLU B 164 -12.23 6.14 14.91
CA GLU B 164 -11.74 6.16 13.53
C GLU B 164 -11.62 4.74 13.01
N THR B 165 -12.01 4.53 11.76
CA THR B 165 -12.05 3.18 11.21
C THR B 165 -11.27 3.12 9.91
N THR B 166 -10.52 2.04 9.68
CA THR B 166 -9.86 1.90 8.41
C THR B 166 -10.86 1.33 7.40
N THR B 167 -10.75 1.80 6.16
CA THR B 167 -11.42 1.18 5.04
C THR B 167 -10.89 -0.22 4.96
N PRO B 168 -11.78 -1.21 4.72
CA PRO B 168 -11.35 -2.60 4.64
C PRO B 168 -10.21 -2.78 3.66
N SER B 169 -9.55 -3.94 3.69
CA SER B 169 -8.33 -4.07 2.92
C SER B 169 -7.94 -5.49 2.64
N LYS B 170 -7.07 -5.62 1.64
CA LYS B 170 -6.53 -6.90 1.23
C LYS B 170 -5.73 -7.62 2.30
N GLN B 171 -6.21 -8.80 2.68
CA GLN B 171 -5.39 -9.80 3.39
C GLN B 171 -4.40 -10.56 2.47
N SER B 172 -4.81 -11.01 1.28
CA SER B 172 -6.19 -10.96 0.76
C SER B 172 -6.60 -12.29 0.19
N ASN B 173 -5.86 -13.34 0.57
CA ASN B 173 -6.08 -14.72 0.13
C ASN B 173 -7.48 -14.97 -0.41
N ASN B 174 -8.46 -14.57 0.38
CA ASN B 174 -9.83 -14.54 -0.06
C ASN B 174 -10.55 -13.34 0.58
N LYS B 175 -10.12 -12.94 1.77
CA LYS B 175 -10.94 -12.01 2.55
C LYS B 175 -10.30 -10.70 2.96
N TYR B 176 -11.09 -9.93 3.71
CA TYR B 176 -10.73 -8.57 4.06
C TYR B 176 -10.48 -8.42 5.55
N ALA B 177 -10.01 -7.24 5.92
CA ALA B 177 -9.69 -6.92 7.29
C ALA B 177 -9.88 -5.44 7.46
N ALA B 178 -10.18 -5.04 8.68
CA ALA B 178 -10.26 -3.63 9.00
C ALA B 178 -10.02 -3.51 10.49
N SER B 179 -9.95 -2.27 10.95
CA SER B 179 -9.65 -2.00 12.34
C SER B 179 -10.38 -0.72 12.66
N SER B 180 -10.85 -0.61 13.89
CA SER B 180 -11.49 0.60 14.34
C SER B 180 -10.89 0.91 15.68
N TYR B 181 -10.74 2.19 15.98
CA TYR B 181 -10.12 2.60 17.20
C TYR B 181 -11.07 3.51 17.91
N LEU B 182 -11.19 3.29 19.21
CA LEU B 182 -11.91 4.22 20.05
C LEU B 182 -10.93 4.88 21.00
N SER B 183 -10.72 6.18 20.83
CA SER B 183 -9.81 6.93 21.68
C SER B 183 -10.52 7.48 22.90
N LEU B 184 -10.00 7.17 24.08
CA LEU B 184 -10.59 7.60 25.33
C LEU B 184 -9.56 8.29 26.24
N THR B 185 -10.06 9.17 27.10
CA THR B 185 -9.28 9.61 28.24
C THR B 185 -9.44 8.52 29.30
N PRO B 186 -8.37 8.23 30.05
CA PRO B 186 -8.35 7.05 30.96
C PRO B 186 -9.47 7.06 31.99
N GLU B 187 -9.93 8.24 32.39
CA GLU B 187 -11.04 8.34 33.33
C GLU B 187 -12.35 7.92 32.67
N GLN B 188 -12.54 8.28 31.39
CA GLN B 188 -13.73 7.86 30.65
C GLN B 188 -13.68 6.36 30.47
N TRP B 189 -12.47 5.83 30.44
CA TRP B 189 -12.28 4.39 30.41
C TRP B 189 -12.66 3.79 31.77
N LYS B 190 -12.37 4.52 32.85
CA LYS B 190 -12.64 4.03 34.21
C LYS B 190 -14.09 4.18 34.63
N SER B 191 -14.85 4.97 33.87
CA SER B 191 -16.26 5.23 34.19
C SER B 191 -17.43 4.29 33.93
N HIS B 192 -17.48 3.77 32.72
CA HIS B 192 -18.58 2.94 32.24
C HIS B 192 -18.20 1.51 32.60
N ARG B 193 -19.20 0.65 32.79
CA ARG B 193 -18.93 -0.73 33.14
C ARG B 193 -18.32 -1.50 31.98
N SER B 194 -18.80 -1.26 30.77
CA SER B 194 -18.23 -1.92 29.59
C SER B 194 -18.29 -1.08 28.32
N TYR B 195 -17.46 -1.46 27.35
CA TYR B 195 -17.48 -0.86 26.03
C TYR B 195 -17.60 -2.00 25.01
N SER B 196 -18.34 -1.76 23.92
CA SER B 196 -18.54 -2.80 22.91
C SER B 196 -18.10 -2.36 21.53
N CYS B 197 -17.70 -3.33 20.73
CA CYS B 197 -17.40 -3.12 19.32
C CYS B 197 -18.37 -3.97 18.48
N GLN B 198 -19.21 -3.29 17.70
CA GLN B 198 -20.24 -3.95 16.88
C GLN B 198 -19.85 -3.94 15.41
N VAL B 199 -19.77 -5.12 14.80
CA VAL B 199 -19.43 -5.20 13.38
C VAL B 199 -20.59 -5.75 12.59
N THR B 200 -21.10 -4.94 11.66
CA THR B 200 -22.24 -5.33 10.82
C THR B 200 -21.79 -5.67 9.41
N HIS B 201 -22.05 -6.93 9.04
CA HIS B 201 -21.61 -7.52 7.77
C HIS B 201 -22.79 -8.33 7.23
N GLU B 202 -23.05 -8.21 5.93
CA GLU B 202 -24.27 -8.77 5.32
C GLU B 202 -25.56 -8.61 6.20
N GLY B 203 -26.19 -9.70 6.59
CA GLY B 203 -27.29 -9.63 7.55
C GLY B 203 -26.91 -10.13 8.94
N SER B 204 -25.61 -10.21 9.21
CA SER B 204 -25.12 -10.58 10.55
C SER B 204 -24.43 -9.40 11.23
N THR B 205 -24.47 -9.40 12.56
CA THR B 205 -23.67 -8.44 13.31
C THR B 205 -22.97 -9.20 14.45
N VAL B 206 -21.64 -9.18 14.44
CA VAL B 206 -20.82 -9.80 15.47
C VAL B 206 -20.43 -8.72 16.46
N GLU B 207 -20.68 -8.94 17.75
CA GLU B 207 -20.37 -7.93 18.74
C GLU B 207 -19.44 -8.47 19.84
N LYS B 208 -18.52 -7.64 20.28
CA LYS B 208 -17.59 -8.00 21.34
C LYS B 208 -17.59 -6.92 22.42
N THR B 209 -17.13 -7.27 23.61
CA THR B 209 -17.24 -6.37 24.76
C THR B 209 -16.03 -6.51 25.65
N VAL B 210 -15.55 -5.37 26.15
CA VAL B 210 -14.50 -5.39 27.18
C VAL B 210 -14.96 -4.54 28.35
N ALA B 211 -14.29 -4.72 29.49
CA ALA B 211 -14.61 -3.97 30.69
C ALA B 211 -13.32 -3.72 31.45
N PRO B 212 -13.24 -2.57 32.14
CA PRO B 212 -12.13 -2.25 33.05
C PRO B 212 -11.95 -3.29 34.16
#